data_4NIK
#
_entry.id   4NIK
#
_cell.length_a   135.578
_cell.length_b   135.578
_cell.length_c   68.655
_cell.angle_alpha   90.00
_cell.angle_beta   90.00
_cell.angle_gamma   120.00
#
_symmetry.space_group_name_H-M   'P 32 2 1'
#
loop_
_entity.id
_entity.type
_entity.pdbx_description
1 polymer '26S proteasome non-ATPase regulatory subunit 10'
2 polymer 'Single-chain Fv fragment antibody'
3 water water
#
loop_
_entity_poly.entity_id
_entity_poly.type
_entity_poly.pdbx_seq_one_letter_code
_entity_poly.pdbx_strand_id
1 'polypeptide(L)'
;GSHMMEGCVSNLMVCNLAYSGKLEELKESILADKSLATRTDQDSRTALHWACSAGHTEIVEFLLQLGVPVNDKDDAGWSP
LHIAASAGRDEIVKALLGKGAQVNAVNQNGCTPLHYAASKNRHEIAVMLLEGGANPDAKDHYEATAMHRAAAKGNLKMIH
ILLYYKASTNIQDTEGNTPLHLACDEERVEEAKLLVSQGASIYIENKEEKTPLQVAKGGLGLILKRMVEG
;
A
2 'polypeptide(L)'
;MAEVQLVESGGSLVKPGGSLRLSCAASGFTFSNYSMNWVRQAPGKGLEWISSISGSSRYIYYADFVKGRFTISRDNATNS
LYLQMNSLRAEDTAVYYCVRGVIDKFDYWGRGTLVTVSAGGGGSGGGGSGGGGSQSVLTQPASVSGSPGQSITISCAGTS
SDVGGYNYVSWYQQHPGKAPKLMIYEDSKRPSGVSNRFSGSKSGNTASLTISGLQAEDEADYYCISYISSNTRLFGGGTK
LAVLGAAASAHHHHHH
;
B
#
# COMPACT_ATOMS: atom_id res chain seq x y z
N GLY A 7 16.56 26.70 1.76
CA GLY A 7 17.54 27.36 2.60
C GLY A 7 17.41 26.94 4.05
N CYS A 8 18.55 26.78 4.73
CA CYS A 8 18.56 26.41 6.14
C CYS A 8 18.70 27.62 7.06
N VAL A 9 17.85 27.69 8.08
CA VAL A 9 17.76 28.85 8.95
C VAL A 9 18.53 28.65 10.26
N SER A 10 19.05 27.44 10.45
CA SER A 10 19.75 27.12 11.69
C SER A 10 20.95 28.02 11.90
N ASN A 11 21.16 28.47 13.13
CA ASN A 11 22.34 29.27 13.44
C ASN A 11 23.58 28.40 13.66
N LEU A 12 23.39 27.09 13.68
CA LEU A 12 24.49 26.15 13.90
C LEU A 12 25.14 25.67 12.60
N MET A 13 26.46 25.76 12.57
CA MET A 13 27.23 25.26 11.44
C MET A 13 26.96 23.78 11.20
N VAL A 14 26.86 23.00 12.27
CA VAL A 14 26.71 21.56 12.15
C VAL A 14 25.35 21.18 11.58
N CYS A 15 24.32 21.91 11.99
CA CYS A 15 22.98 21.69 11.45
C CYS A 15 22.95 22.03 9.96
N ASN A 16 23.68 23.06 9.58
CA ASN A 16 23.81 23.44 8.17
C ASN A 16 24.54 22.39 7.35
N LEU A 17 25.60 21.82 7.91
CA LEU A 17 26.31 20.72 7.26
C LEU A 17 25.35 19.57 7.01
N ALA A 18 24.55 19.24 8.02
CA ALA A 18 23.61 18.12 7.92
C ALA A 18 22.57 18.41 6.84
N TYR A 19 22.12 19.66 6.77
CA TYR A 19 21.08 20.04 5.83
C TYR A 19 21.57 20.02 4.38
N SER A 20 22.83 20.38 4.17
CA SER A 20 23.35 20.44 2.81
C SER A 20 24.06 19.15 2.40
N GLY A 21 24.04 18.16 3.28
CA GLY A 21 24.52 16.83 2.96
C GLY A 21 26.02 16.68 2.89
N LYS A 22 26.74 17.45 3.69
CA LYS A 22 28.20 17.40 3.69
C LYS A 22 28.70 16.41 4.74
N LEU A 23 28.55 15.12 4.44
CA LEU A 23 28.84 14.05 5.38
C LEU A 23 30.27 14.11 5.94
N GLU A 24 31.24 14.20 5.05
CA GLU A 24 32.64 14.21 5.45
C GLU A 24 32.95 15.37 6.39
N GLU A 25 32.53 16.57 5.99
CA GLU A 25 32.72 17.75 6.84
CA GLU A 25 32.73 17.75 6.83
C GLU A 25 32.05 17.58 8.18
N LEU A 26 30.83 17.05 8.17
CA LEU A 26 30.09 16.79 9.40
C LEU A 26 30.82 15.78 10.28
N LYS A 27 31.33 14.71 9.67
CA LYS A 27 32.11 13.70 10.37
C LYS A 27 33.34 14.31 11.02
N GLU A 28 34.02 15.19 10.30
CA GLU A 28 35.21 15.86 10.85
C GLU A 28 34.85 16.77 12.02
N SER A 29 33.78 17.54 11.87
CA SER A 29 33.30 18.41 12.95
C SER A 29 33.06 17.60 14.21
N ILE A 30 32.29 16.53 14.06
CA ILE A 30 31.90 15.71 15.19
C ILE A 30 33.07 14.93 15.76
N LEU A 31 33.98 14.52 14.89
CA LEU A 31 35.21 13.88 15.32
C LEU A 31 35.97 14.83 16.25
N ALA A 32 35.98 16.11 15.88
CA ALA A 32 36.67 17.13 16.66
C ALA A 32 35.94 17.47 17.95
N ASP A 33 34.61 17.32 17.93
CA ASP A 33 33.79 17.58 19.12
C ASP A 33 32.54 16.72 19.10
N LYS A 34 32.55 15.65 19.89
CA LYS A 34 31.46 14.68 19.91
C LYS A 34 30.11 15.32 20.23
N SER A 35 30.11 16.31 21.11
CA SER A 35 28.86 16.92 21.57
C SER A 35 28.08 17.62 20.46
N LEU A 36 28.75 17.92 19.35
CA LEU A 36 28.10 18.58 18.23
C LEU A 36 27.01 17.71 17.60
N ALA A 37 27.10 16.41 17.80
CA ALA A 37 26.13 15.48 17.25
C ALA A 37 24.74 15.77 17.80
N THR A 38 24.68 16.28 19.03
CA THR A 38 23.40 16.52 19.69
C THR A 38 23.21 17.97 20.13
N ARG A 39 24.03 18.87 19.59
CA ARG A 39 23.93 20.30 19.91
C ARG A 39 22.65 20.87 19.31
N THR A 40 21.87 21.56 20.12
CA THR A 40 20.59 22.10 19.68
C THR A 40 20.72 23.55 19.20
N ASP A 41 20.03 23.88 18.11
CA ASP A 41 20.03 25.24 17.58
C ASP A 41 18.94 26.08 18.24
N GLN A 42 18.62 27.22 17.64
CA GLN A 42 17.68 28.15 18.26
C GLN A 42 16.25 27.61 18.31
N ASP A 43 16.02 26.47 17.67
CA ASP A 43 14.70 25.84 17.67
C ASP A 43 14.76 24.46 18.32
N SER A 44 15.84 24.20 19.03
CA SER A 44 16.07 22.90 19.65
C SER A 44 16.05 21.78 18.63
N ARG A 45 16.56 22.09 17.43
CA ARG A 45 16.78 21.09 16.42
C ARG A 45 18.25 20.73 16.47
N THR A 46 18.55 19.45 16.22
CA THR A 46 19.93 19.00 16.13
C THR A 46 20.22 18.62 14.69
N ALA A 47 21.43 18.16 14.43
CA ALA A 47 21.82 17.71 13.10
C ALA A 47 20.83 16.68 12.55
N LEU A 48 20.31 15.83 13.42
CA LEU A 48 19.38 14.80 13.00
C LEU A 48 18.10 15.37 12.40
N HIS A 49 17.49 16.33 13.09
CA HIS A 49 16.28 16.96 12.57
C HIS A 49 16.51 17.48 11.15
N TRP A 50 17.64 18.16 10.97
CA TRP A 50 17.97 18.82 9.71
C TRP A 50 18.32 17.82 8.60
N ALA A 51 19.01 16.75 8.97
CA ALA A 51 19.29 15.69 8.02
C ALA A 51 17.99 15.05 7.52
N CYS A 52 17.05 14.82 8.42
CA CYS A 52 15.74 14.30 8.05
C CYS A 52 15.01 15.22 7.07
N SER A 53 15.06 16.52 7.36
CA SER A 53 14.38 17.50 6.52
C SER A 53 14.88 17.48 5.07
N ALA A 54 16.19 17.44 4.91
CA ALA A 54 16.81 17.46 3.58
C ALA A 54 16.84 16.08 2.93
N GLY A 55 16.63 15.04 3.73
CA GLY A 55 16.57 13.69 3.21
C GLY A 55 17.93 13.12 2.84
N HIS A 56 18.94 13.44 3.64
CA HIS A 56 20.27 12.87 3.45
C HIS A 56 20.45 11.59 4.24
N THR A 57 20.11 10.47 3.60
CA THR A 57 20.06 9.18 4.26
C THR A 57 21.36 8.78 4.96
N GLU A 58 22.47 8.86 4.22
CA GLU A 58 23.75 8.44 4.78
CA GLU A 58 23.77 8.47 4.77
C GLU A 58 24.11 9.23 6.04
N ILE A 59 23.73 10.50 6.08
CA ILE A 59 23.98 11.32 7.26
C ILE A 59 23.13 10.88 8.45
N VAL A 60 21.86 10.59 8.21
CA VAL A 60 21.00 10.06 9.27
C VAL A 60 21.58 8.74 9.78
N GLU A 61 21.97 7.86 8.87
CA GLU A 61 22.54 6.57 9.23
C GLU A 61 23.74 6.74 10.16
N PHE A 62 24.63 7.66 9.79
CA PHE A 62 25.81 7.97 10.58
C PHE A 62 25.42 8.43 11.99
N LEU A 63 24.51 9.39 12.06
CA LEU A 63 24.04 9.91 13.35
C LEU A 63 23.43 8.81 14.21
N LEU A 64 22.62 7.96 13.59
CA LEU A 64 21.96 6.89 14.33
C LEU A 64 22.96 5.93 14.94
N GLN A 65 23.98 5.56 14.18
CA GLN A 65 24.97 4.60 14.67
C GLN A 65 25.87 5.21 15.74
N LEU A 66 25.84 6.53 15.87
CA LEU A 66 26.53 7.21 16.96
C LEU A 66 25.69 7.14 18.24
N GLY A 67 24.42 6.76 18.08
CA GLY A 67 23.53 6.61 19.21
C GLY A 67 22.85 7.88 19.68
N VAL A 68 22.68 8.87 18.79
CA VAL A 68 21.95 10.07 19.14
C VAL A 68 20.50 9.70 19.42
N PRO A 69 19.84 10.46 20.32
CA PRO A 69 18.41 10.23 20.57
C PRO A 69 17.64 10.37 19.26
N VAL A 70 16.59 9.58 19.06
CA VAL A 70 15.84 9.63 17.81
C VAL A 70 14.43 10.16 17.98
N ASN A 71 14.05 10.49 19.22
CA ASN A 71 12.69 10.92 19.51
C ASN A 71 12.58 12.33 20.12
N ASP A 72 13.69 13.05 20.17
CA ASP A 72 13.64 14.42 20.69
C ASP A 72 12.87 15.36 19.77
N LYS A 73 11.97 16.15 20.36
CA LYS A 73 11.16 17.09 19.62
C LYS A 73 11.79 18.48 19.62
N ASP A 74 11.67 19.19 18.49
CA ASP A 74 12.11 20.57 18.43
C ASP A 74 11.09 21.49 19.11
N ASP A 75 11.33 22.79 19.08
CA ASP A 75 10.49 23.77 19.77
C ASP A 75 9.04 23.81 19.29
N ALA A 76 8.78 23.23 18.13
CA ALA A 76 7.41 23.15 17.62
C ALA A 76 6.79 21.79 17.89
N GLY A 77 7.53 20.93 18.58
CA GLY A 77 7.07 19.61 18.94
C GLY A 77 7.34 18.56 17.89
N TRP A 78 8.00 18.94 16.81
CA TRP A 78 8.29 18.02 15.71
C TRP A 78 9.45 17.10 16.05
N SER A 79 9.23 15.80 15.89
CA SER A 79 10.27 14.80 16.07
C SER A 79 10.92 14.52 14.73
N PRO A 80 12.08 13.85 14.73
CA PRO A 80 12.69 13.46 13.45
C PRO A 80 11.71 12.71 12.56
N LEU A 81 10.93 11.79 13.14
CA LEU A 81 9.96 11.03 12.36
C LEU A 81 8.91 11.93 11.71
N HIS A 82 8.39 12.90 12.45
CA HIS A 82 7.50 13.91 11.88
C HIS A 82 8.14 14.53 10.65
N ILE A 83 9.38 14.96 10.81
CA ILE A 83 10.07 15.69 9.76
C ILE A 83 10.32 14.82 8.54
N ALA A 84 10.77 13.59 8.77
CA ALA A 84 11.05 12.65 7.70
C ALA A 84 9.79 12.30 6.92
N ALA A 85 8.70 12.09 7.65
CA ALA A 85 7.44 11.68 7.01
C ALA A 85 6.86 12.82 6.18
N SER A 86 6.86 14.01 6.75
CA SER A 86 6.34 15.18 6.05
C SER A 86 7.14 15.41 4.77
N ALA A 87 8.46 15.39 4.88
CA ALA A 87 9.33 15.68 3.75
C ALA A 87 9.37 14.54 2.74
N GLY A 88 8.80 13.39 3.10
CA GLY A 88 8.71 12.27 2.19
C GLY A 88 10.02 11.51 2.03
N ARG A 89 10.71 11.28 3.14
CA ARG A 89 12.01 10.61 3.12
C ARG A 89 11.89 9.14 3.45
N ASP A 90 11.50 8.34 2.46
CA ASP A 90 11.21 6.91 2.65
C ASP A 90 12.26 6.18 3.49
N GLU A 91 13.50 6.17 3.01
CA GLU A 91 14.56 5.40 3.64
C GLU A 91 14.89 5.88 5.06
N ILE A 92 14.75 7.18 5.30
CA ILE A 92 15.03 7.73 6.62
C ILE A 92 13.96 7.32 7.63
N VAL A 93 12.70 7.41 7.22
CA VAL A 93 11.60 6.91 8.04
C VAL A 93 11.85 5.44 8.42
N LYS A 94 12.24 4.64 7.44
CA LYS A 94 12.52 3.23 7.69
C LYS A 94 13.61 3.08 8.76
N ALA A 95 14.69 3.83 8.60
CA ALA A 95 15.80 3.77 9.55
C ALA A 95 15.39 4.25 10.94
N LEU A 96 14.61 5.32 11.00
CA LEU A 96 14.13 5.86 12.28
C LEU A 96 13.25 4.86 13.00
N LEU A 97 12.29 4.28 12.28
CA LEU A 97 11.39 3.29 12.84
C LEU A 97 12.18 2.09 13.34
N GLY A 98 13.27 1.79 12.64
CA GLY A 98 14.12 0.68 13.01
C GLY A 98 14.89 0.94 14.28
N LYS A 99 15.11 2.21 14.59
CA LYS A 99 15.83 2.60 15.79
C LYS A 99 14.90 3.04 16.90
N GLY A 100 13.63 2.64 16.81
CA GLY A 100 12.69 2.86 17.88
C GLY A 100 12.00 4.23 17.91
N ALA A 101 11.95 4.91 16.78
CA ALA A 101 11.18 6.15 16.70
C ALA A 101 9.71 5.89 17.05
N GLN A 102 9.12 6.82 17.79
CA GLN A 102 7.73 6.68 18.22
CA GLN A 102 7.73 6.67 18.23
C GLN A 102 6.76 7.07 17.12
N VAL A 103 6.07 6.08 16.55
CA VAL A 103 5.13 6.33 15.45
C VAL A 103 3.96 7.21 15.84
N ASN A 104 3.61 7.24 17.13
CA ASN A 104 2.44 7.98 17.57
C ASN A 104 2.75 9.27 18.32
N ALA A 105 3.98 9.73 18.19
CA ALA A 105 4.36 11.00 18.80
C ALA A 105 3.55 12.14 18.20
N VAL A 106 3.17 13.10 19.04
CA VAL A 106 2.41 14.27 18.61
C VAL A 106 3.23 15.55 18.75
N ASN A 107 3.03 16.50 17.84
CA ASN A 107 3.65 17.81 17.99
C ASN A 107 2.71 18.80 18.70
N GLN A 108 3.13 20.05 18.79
CA GLN A 108 2.30 21.05 19.48
C GLN A 108 0.91 21.23 18.84
N ASN A 109 0.75 20.80 17.59
CA ASN A 109 -0.54 20.86 16.92
C ASN A 109 -1.37 19.59 17.12
N GLY A 110 -0.76 18.61 17.79
CA GLY A 110 -1.43 17.35 18.06
C GLY A 110 -1.31 16.36 16.92
N CYS A 111 -0.47 16.68 15.94
CA CYS A 111 -0.31 15.82 14.78
C CYS A 111 0.74 14.73 14.98
N THR A 112 0.44 13.54 14.46
CA THR A 112 1.38 12.45 14.39
C THR A 112 2.05 12.49 13.02
N PRO A 113 3.14 11.74 12.85
CA PRO A 113 3.75 11.70 11.52
C PRO A 113 2.80 11.22 10.44
N LEU A 114 1.79 10.44 10.81
CA LEU A 114 0.86 9.91 9.82
C LEU A 114 0.01 11.01 9.21
N HIS A 115 -0.34 12.02 10.02
CA HIS A 115 -1.13 13.15 9.53
C HIS A 115 -0.45 13.79 8.32
N TYR A 116 0.86 13.96 8.41
CA TYR A 116 1.61 14.62 7.34
C TYR A 116 1.81 13.69 6.16
N ALA A 117 2.07 12.42 6.42
CA ALA A 117 2.19 11.45 5.36
C ALA A 117 0.92 11.47 4.54
N ALA A 118 -0.21 11.45 5.23
CA ALA A 118 -1.51 11.34 4.58
C ALA A 118 -1.85 12.57 3.74
N SER A 119 -1.64 13.76 4.29
CA SER A 119 -1.96 14.99 3.59
C SER A 119 -1.00 15.24 2.42
N LYS A 120 0.25 14.81 2.59
CA LYS A 120 1.27 15.06 1.60
C LYS A 120 1.41 13.90 0.62
N ASN A 121 0.56 12.90 0.77
CA ASN A 121 0.50 11.80 -0.17
C ASN A 121 1.78 10.95 -0.19
N ARG A 122 2.31 10.67 0.99
CA ARG A 122 3.47 9.80 1.12
C ARG A 122 3.00 8.37 1.36
N HIS A 123 2.79 7.65 0.26
CA HIS A 123 2.19 6.32 0.32
C HIS A 123 3.06 5.27 1.00
N GLU A 124 4.31 5.15 0.57
CA GLU A 124 5.23 4.19 1.17
C GLU A 124 5.38 4.48 2.66
N ILE A 125 5.57 5.75 2.98
CA ILE A 125 5.75 6.18 4.35
C ILE A 125 4.52 5.86 5.19
N ALA A 126 3.34 6.11 4.63
CA ALA A 126 2.08 5.78 5.31
C ALA A 126 2.03 4.31 5.67
N VAL A 127 2.35 3.45 4.70
CA VAL A 127 2.35 2.01 4.93
C VAL A 127 3.34 1.65 6.02
N MET A 128 4.53 2.25 5.95
CA MET A 128 5.56 2.01 6.96
C MET A 128 5.05 2.37 8.35
N LEU A 129 4.51 3.57 8.49
CA LEU A 129 3.99 4.03 9.77
C LEU A 129 2.91 3.10 10.29
N LEU A 130 1.96 2.77 9.42
CA LEU A 130 0.85 1.91 9.79
C LEU A 130 1.30 0.47 10.11
N GLU A 131 2.21 -0.07 9.32
CA GLU A 131 2.77 -1.38 9.63
C GLU A 131 3.50 -1.30 10.96
N GLY A 132 4.06 -0.11 11.24
CA GLY A 132 4.81 0.12 12.45
C GLY A 132 3.96 0.39 13.68
N GLY A 133 2.64 0.33 13.53
CA GLY A 133 1.74 0.44 14.66
C GLY A 133 1.08 1.79 14.86
N ALA A 134 1.12 2.64 13.84
CA ALA A 134 0.49 3.96 13.91
C ALA A 134 -1.01 3.86 14.11
N ASN A 135 -1.56 4.71 14.97
CA ASN A 135 -3.00 4.78 15.14
C ASN A 135 -3.65 5.60 14.04
N PRO A 136 -4.44 4.95 13.19
CA PRO A 136 -5.04 5.61 12.03
C PRO A 136 -6.10 6.63 12.46
N ASP A 137 -6.70 6.42 13.62
CA ASP A 137 -7.77 7.27 14.11
C ASP A 137 -7.27 8.37 15.04
N ALA A 138 -5.95 8.54 15.10
CA ALA A 138 -5.38 9.58 15.94
C ALA A 138 -5.90 10.96 15.50
N LYS A 139 -6.37 11.75 16.47
CA LYS A 139 -6.95 13.05 16.18
C LYS A 139 -6.02 14.18 16.62
N ASP A 140 -5.82 15.17 15.76
CA ASP A 140 -5.01 16.33 16.14
C ASP A 140 -5.83 17.32 16.98
N HIS A 141 -5.27 18.48 17.28
CA HIS A 141 -5.95 19.44 18.15
C HIS A 141 -7.18 20.07 17.48
N TYR A 142 -7.36 19.75 16.20
CA TYR A 142 -8.55 20.16 15.48
C TYR A 142 -9.50 18.96 15.40
N GLU A 143 -9.13 17.90 16.13
CA GLU A 143 -9.91 16.67 16.15
C GLU A 143 -10.00 16.05 14.75
N ALA A 144 -9.02 16.34 13.91
CA ALA A 144 -8.99 15.81 12.56
C ALA A 144 -8.05 14.61 12.46
N THR A 145 -8.39 13.68 11.59
CA THR A 145 -7.60 12.48 11.38
C THR A 145 -6.91 12.53 10.04
N ALA A 146 -6.00 11.60 9.81
CA ALA A 146 -5.33 11.46 8.53
C ALA A 146 -6.35 11.32 7.39
N MET A 147 -7.44 10.62 7.67
CA MET A 147 -8.51 10.45 6.69
C MET A 147 -9.11 11.79 6.28
N HIS A 148 -9.23 12.70 7.23
CA HIS A 148 -9.68 14.06 6.92
C HIS A 148 -8.75 14.68 5.89
N ARG A 149 -7.44 14.57 6.12
CA ARG A 149 -6.44 15.12 5.22
C ARG A 149 -6.55 14.48 3.84
N ALA A 150 -6.51 13.16 3.80
CA ALA A 150 -6.61 12.42 2.55
C ALA A 150 -7.86 12.79 1.77
N ALA A 151 -8.99 12.86 2.48
CA ALA A 151 -10.27 13.18 1.86
C ALA A 151 -10.28 14.59 1.24
N ALA A 152 -9.84 15.58 2.00
CA ALA A 152 -9.84 16.97 1.53
C ALA A 152 -8.95 17.19 0.31
N LYS A 153 -7.76 16.61 0.33
CA LYS A 153 -6.79 16.75 -0.76
C LYS A 153 -7.15 15.90 -1.98
N GLY A 154 -8.07 14.97 -1.81
CA GLY A 154 -8.43 14.06 -2.87
C GLY A 154 -7.36 13.00 -3.15
N ASN A 155 -6.82 12.42 -2.08
CA ASN A 155 -5.81 11.37 -2.21
C ASN A 155 -6.43 9.98 -2.18
N LEU A 156 -6.86 9.49 -3.34
CA LEU A 156 -7.58 8.23 -3.41
C LEU A 156 -6.77 7.06 -2.86
N LYS A 157 -5.59 6.84 -3.40
CA LYS A 157 -4.71 5.76 -2.95
C LYS A 157 -4.52 5.82 -1.43
N MET A 158 -4.37 7.03 -0.89
CA MET A 158 -4.14 7.17 0.55
C MET A 158 -5.35 6.69 1.35
N ILE A 159 -6.55 6.98 0.86
CA ILE A 159 -7.76 6.50 1.50
C ILE A 159 -7.81 4.96 1.48
N HIS A 160 -7.46 4.36 0.35
CA HIS A 160 -7.41 2.89 0.27
C HIS A 160 -6.45 2.33 1.32
N ILE A 161 -5.26 2.91 1.41
CA ILE A 161 -4.28 2.51 2.40
C ILE A 161 -4.87 2.59 3.81
N LEU A 162 -5.40 3.75 4.16
CA LEU A 162 -5.98 3.95 5.49
C LEU A 162 -7.10 2.94 5.78
N LEU A 163 -7.89 2.62 4.77
CA LEU A 163 -9.00 1.68 4.95
C LEU A 163 -8.51 0.26 5.24
N TYR A 164 -7.45 -0.15 4.56
CA TYR A 164 -6.83 -1.44 4.80
C TYR A 164 -6.36 -1.59 6.24
N TYR A 165 -5.96 -0.48 6.86
CA TYR A 165 -5.53 -0.51 8.26
C TYR A 165 -6.65 -0.09 9.21
N LYS A 166 -7.87 -0.12 8.70
CA LYS A 166 -9.06 -0.02 9.52
C LYS A 166 -9.32 1.36 10.13
N ALA A 167 -8.95 2.39 9.41
CA ALA A 167 -9.26 3.75 9.83
C ALA A 167 -10.76 3.98 9.72
N SER A 168 -11.33 4.61 10.73
CA SER A 168 -12.74 4.98 10.71
CA SER A 168 -12.75 4.98 10.70
C SER A 168 -12.98 6.03 9.63
N THR A 169 -14.16 6.00 9.02
CA THR A 169 -14.49 6.98 8.00
C THR A 169 -15.40 8.08 8.53
N ASN A 170 -15.88 7.94 9.77
CA ASN A 170 -16.92 8.81 10.27
C ASN A 170 -16.55 9.65 11.49
N ILE A 171 -15.26 9.75 11.80
CA ILE A 171 -14.84 10.62 12.88
C ILE A 171 -15.06 12.09 12.52
N GLN A 172 -15.69 12.81 13.45
CA GLN A 172 -16.01 14.21 13.22
C GLN A 172 -14.93 15.10 13.81
N ASP A 173 -14.51 16.11 13.06
CA ASP A 173 -13.53 17.06 13.57
C ASP A 173 -14.20 18.15 14.43
N THR A 174 -13.45 19.19 14.74
CA THR A 174 -13.93 20.22 15.67
C THR A 174 -15.12 21.01 15.10
N GLU A 175 -15.23 21.07 13.78
CA GLU A 175 -16.38 21.70 13.13
C GLU A 175 -17.52 20.70 12.93
N GLY A 176 -17.29 19.46 13.34
CA GLY A 176 -18.30 18.43 13.23
C GLY A 176 -18.27 17.73 11.89
N ASN A 177 -17.26 18.06 11.07
CA ASN A 177 -17.14 17.47 9.75
C ASN A 177 -16.46 16.10 9.75
N THR A 178 -17.03 15.17 9.01
CA THR A 178 -16.38 13.90 8.76
C THR A 178 -15.54 14.07 7.51
N PRO A 179 -14.66 13.10 7.21
CA PRO A 179 -13.87 13.17 5.99
C PRO A 179 -14.76 13.31 4.74
N LEU A 180 -15.96 12.74 4.78
CA LEU A 180 -16.88 12.84 3.66
C LEU A 180 -17.35 14.27 3.42
N HIS A 181 -17.58 15.01 4.50
CA HIS A 181 -17.93 16.43 4.41
C HIS A 181 -16.83 17.15 3.62
N LEU A 182 -15.59 16.84 3.97
CA LEU A 182 -14.43 17.47 3.36
C LEU A 182 -14.28 17.09 1.89
N ALA A 183 -14.42 15.81 1.60
CA ALA A 183 -14.36 15.33 0.22
C ALA A 183 -15.45 15.99 -0.62
N CYS A 184 -16.63 16.18 -0.05
CA CYS A 184 -17.75 16.77 -0.78
C CYS A 184 -17.55 18.26 -1.03
N ASP A 185 -17.00 18.96 -0.04
CA ASP A 185 -16.77 20.39 -0.13
C ASP A 185 -15.71 20.72 -1.18
N GLU A 186 -14.68 19.88 -1.26
CA GLU A 186 -13.61 20.07 -2.23
C GLU A 186 -13.97 19.37 -3.54
N GLU A 187 -15.21 18.93 -3.63
CA GLU A 187 -15.69 18.16 -4.78
CA GLU A 187 -15.69 18.16 -4.78
C GLU A 187 -14.68 17.11 -5.25
N ARG A 188 -14.26 16.25 -4.34
CA ARG A 188 -13.37 15.13 -4.66
C ARG A 188 -14.23 13.92 -4.93
N VAL A 189 -14.61 13.75 -6.19
CA VAL A 189 -15.70 12.84 -6.54
C VAL A 189 -15.41 11.36 -6.25
N GLU A 190 -14.29 10.86 -6.76
CA GLU A 190 -13.96 9.45 -6.58
C GLU A 190 -13.72 9.11 -5.12
N GLU A 191 -13.06 10.03 -4.42
CA GLU A 191 -12.78 9.87 -3.00
C GLU A 191 -14.08 9.78 -2.20
N ALA A 192 -15.06 10.60 -2.58
CA ALA A 192 -16.34 10.62 -1.89
C ALA A 192 -17.11 9.33 -2.12
N LYS A 193 -17.04 8.81 -3.33
CA LYS A 193 -17.70 7.55 -3.66
C LYS A 193 -17.09 6.41 -2.86
N LEU A 194 -15.76 6.34 -2.87
CA LEU A 194 -15.04 5.32 -2.12
C LEU A 194 -15.47 5.32 -0.66
N LEU A 195 -15.42 6.49 -0.04
CA LEU A 195 -15.78 6.62 1.37
C LEU A 195 -17.19 6.09 1.63
N VAL A 196 -18.13 6.52 0.80
CA VAL A 196 -19.51 6.07 0.93
C VAL A 196 -19.60 4.55 0.74
N SER A 197 -18.88 4.04 -0.25
CA SER A 197 -18.97 2.61 -0.57
C SER A 197 -18.38 1.76 0.54
N GLN A 198 -17.68 2.40 1.47
CA GLN A 198 -16.99 1.66 2.52
C GLN A 198 -17.37 2.14 3.93
N GLY A 199 -18.55 2.74 4.06
CA GLY A 199 -19.08 3.02 5.38
C GLY A 199 -19.37 4.45 5.75
N ALA A 200 -18.77 5.41 5.05
CA ALA A 200 -18.97 6.82 5.36
C ALA A 200 -20.46 7.19 5.28
N SER A 201 -20.99 7.73 6.37
CA SER A 201 -22.40 8.08 6.44
C SER A 201 -22.72 9.39 5.72
N ILE A 202 -23.80 9.38 4.93
CA ILE A 202 -24.27 10.59 4.28
C ILE A 202 -25.28 11.32 5.15
N TYR A 203 -25.44 10.87 6.39
CA TYR A 203 -26.49 11.40 7.27
C TYR A 203 -25.95 12.20 8.44
N ILE A 204 -24.66 12.10 8.71
CA ILE A 204 -24.06 12.81 9.84
C ILE A 204 -24.02 14.30 9.60
N GLU A 205 -24.48 15.08 10.57
CA GLU A 205 -24.50 16.53 10.46
C GLU A 205 -23.30 17.18 11.16
N ASN A 206 -22.69 18.16 10.50
CA ASN A 206 -21.66 18.96 11.15
C ASN A 206 -22.30 19.97 12.11
N LYS A 207 -21.53 20.93 12.59
CA LYS A 207 -22.05 21.84 13.61
C LYS A 207 -22.97 22.92 13.04
N GLU A 208 -22.98 23.05 11.71
CA GLU A 208 -23.94 23.90 11.02
C GLU A 208 -25.18 23.08 10.67
N GLU A 209 -25.21 21.83 11.14
CA GLU A 209 -26.34 20.94 10.92
C GLU A 209 -26.49 20.50 9.47
N LYS A 210 -25.39 20.54 8.73
CA LYS A 210 -25.37 20.08 7.35
C LYS A 210 -24.81 18.67 7.23
N THR A 211 -25.48 17.83 6.45
CA THR A 211 -24.95 16.53 6.08
C THR A 211 -23.92 16.73 4.96
N PRO A 212 -23.14 15.68 4.65
CA PRO A 212 -22.17 15.81 3.55
C PRO A 212 -22.83 16.09 2.21
N LEU A 213 -24.09 15.69 2.04
CA LEU A 213 -24.80 15.96 0.79
C LEU A 213 -25.07 17.45 0.66
N GLN A 214 -25.36 18.09 1.80
CA GLN A 214 -25.73 19.49 1.82
C GLN A 214 -24.55 20.44 1.65
N VAL A 215 -23.33 19.91 1.71
CA VAL A 215 -22.14 20.71 1.47
C VAL A 215 -21.48 20.30 0.16
N ALA A 216 -22.04 19.28 -0.47
CA ALA A 216 -21.51 18.76 -1.73
C ALA A 216 -21.71 19.76 -2.86
N LYS A 217 -20.74 19.84 -3.76
CA LYS A 217 -20.80 20.76 -4.88
C LYS A 217 -20.99 20.01 -6.18
N GLY A 218 -21.62 20.66 -7.15
CA GLY A 218 -21.95 20.01 -8.41
C GLY A 218 -23.08 19.04 -8.19
N GLY A 219 -23.03 17.89 -8.85
CA GLY A 219 -24.07 16.89 -8.70
C GLY A 219 -23.65 15.77 -7.77
N LEU A 220 -22.62 16.04 -6.97
CA LEU A 220 -22.03 15.01 -6.12
C LEU A 220 -23.00 14.52 -5.05
N GLY A 221 -23.79 15.43 -4.51
CA GLY A 221 -24.78 15.06 -3.52
C GLY A 221 -25.70 13.97 -4.03
N LEU A 222 -26.27 14.18 -5.21
CA LEU A 222 -27.19 13.22 -5.81
C LEU A 222 -26.50 11.91 -6.18
N ILE A 223 -25.24 12.00 -6.60
CA ILE A 223 -24.46 10.81 -6.91
C ILE A 223 -24.35 9.92 -5.68
N LEU A 224 -24.04 10.52 -4.54
CA LEU A 224 -23.89 9.77 -3.30
C LEU A 224 -25.23 9.31 -2.75
N LYS A 225 -26.25 10.14 -2.89
CA LYS A 225 -27.61 9.76 -2.49
C LYS A 225 -28.05 8.49 -3.22
N ARG A 226 -27.83 8.45 -4.53
CA ARG A 226 -28.10 7.27 -5.34
C ARG A 226 -27.46 6.02 -4.75
N MET A 227 -26.15 6.09 -4.50
CA MET A 227 -25.41 4.95 -3.99
C MET A 227 -26.10 4.34 -2.77
N VAL A 228 -26.47 5.20 -1.82
CA VAL A 228 -27.04 4.73 -0.57
C VAL A 228 -28.53 4.40 -0.65
N GLU A 229 -29.28 5.20 -1.40
CA GLU A 229 -30.74 5.13 -1.35
C GLU A 229 -31.41 4.69 -2.65
N GLY A 230 -30.63 4.60 -3.72
CA GLY A 230 -31.17 4.20 -5.01
C GLY A 230 -32.22 5.16 -5.53
N GLU B 3 18.94 -10.23 -2.76
CA GLU B 3 17.81 -10.41 -3.67
C GLU B 3 16.61 -11.02 -2.95
N VAL B 4 15.44 -10.44 -3.17
CA VAL B 4 14.22 -10.89 -2.50
C VAL B 4 13.80 -12.27 -2.99
N GLN B 5 13.57 -13.18 -2.05
CA GLN B 5 13.20 -14.53 -2.40
C GLN B 5 12.04 -15.06 -1.56
N LEU B 6 11.11 -15.74 -2.23
CA LEU B 6 9.98 -16.39 -1.57
C LEU B 6 9.90 -17.83 -2.04
N VAL B 7 10.01 -18.77 -1.12
CA VAL B 7 10.01 -20.19 -1.47
C VAL B 7 8.86 -20.94 -0.80
N GLU B 8 7.84 -21.27 -1.57
CA GLU B 8 6.70 -22.01 -1.04
C GLU B 8 7.01 -23.50 -1.01
N SER B 9 6.51 -24.17 0.01
CA SER B 9 6.66 -25.62 0.12
C SER B 9 5.46 -26.22 0.83
N GLY B 10 5.27 -27.53 0.67
CA GLY B 10 4.15 -28.22 1.30
C GLY B 10 3.10 -28.63 0.30
N GLY B 11 3.30 -28.24 -0.96
CA GLY B 11 2.37 -28.58 -2.02
C GLY B 11 2.48 -30.03 -2.45
N SER B 12 1.39 -30.77 -2.30
CA SER B 12 1.39 -32.19 -2.63
C SER B 12 0.08 -32.60 -3.26
N LEU B 13 -0.07 -33.91 -3.49
CA LEU B 13 -1.34 -34.48 -3.88
C LEU B 13 -2.05 -34.96 -2.63
N VAL B 14 -3.37 -34.76 -2.55
CA VAL B 14 -4.11 -35.14 -1.36
C VAL B 14 -5.58 -35.44 -1.68
N LYS B 15 -6.07 -36.55 -1.16
CA LYS B 15 -7.45 -36.95 -1.39
C LYS B 15 -8.40 -35.94 -0.77
N PRO B 16 -9.53 -35.68 -1.45
CA PRO B 16 -10.55 -34.73 -0.98
C PRO B 16 -10.91 -34.99 0.49
N GLY B 17 -11.01 -33.93 1.28
CA GLY B 17 -11.29 -34.05 2.69
C GLY B 17 -10.02 -33.93 3.52
N GLY B 18 -8.88 -34.12 2.87
CA GLY B 18 -7.58 -33.97 3.51
C GLY B 18 -7.29 -32.53 3.90
N SER B 19 -6.21 -32.34 4.65
CA SER B 19 -5.88 -31.02 5.15
C SER B 19 -4.39 -30.75 5.05
N LEU B 20 -4.02 -29.75 4.26
CA LEU B 20 -2.62 -29.40 4.05
C LEU B 20 -2.17 -28.21 4.88
N ARG B 21 -0.87 -27.96 4.87
CA ARG B 21 -0.30 -26.75 5.45
C ARG B 21 0.87 -26.29 4.60
N LEU B 22 0.69 -25.16 3.93
CA LEU B 22 1.75 -24.60 3.10
C LEU B 22 2.67 -23.74 3.96
N SER B 23 3.92 -23.62 3.52
CA SER B 23 4.89 -22.79 4.21
C SER B 23 5.63 -21.94 3.19
N CYS B 24 6.18 -20.83 3.65
CA CYS B 24 7.02 -20.01 2.80
C CYS B 24 8.22 -19.50 3.57
N ALA B 25 9.41 -19.70 3.00
CA ALA B 25 10.63 -19.14 3.55
C ALA B 25 10.93 -17.84 2.84
N ALA B 26 11.08 -16.76 3.60
CA ALA B 26 11.33 -15.46 3.02
C ALA B 26 12.73 -14.97 3.33
N SER B 27 13.32 -14.24 2.39
CA SER B 27 14.64 -13.65 2.58
C SER B 27 14.85 -12.52 1.59
N GLY B 28 15.83 -11.66 1.88
CA GLY B 28 16.18 -10.57 0.99
C GLY B 28 15.42 -9.29 1.28
N PHE B 29 14.66 -9.29 2.37
CA PHE B 29 13.95 -8.09 2.82
C PHE B 29 13.54 -8.23 4.27
N THR B 30 13.07 -7.13 4.87
CA THR B 30 12.67 -7.15 6.27
C THR B 30 11.26 -7.70 6.41
N PHE B 31 11.17 -9.03 6.46
CA PHE B 31 9.89 -9.75 6.48
C PHE B 31 8.86 -9.12 7.43
N SER B 32 9.30 -8.76 8.63
CA SER B 32 8.38 -8.28 9.66
C SER B 32 7.68 -6.98 9.31
N ASN B 33 8.28 -6.20 8.40
CA ASN B 33 7.72 -4.91 8.03
C ASN B 33 6.67 -4.97 6.92
N TYR B 34 6.43 -6.17 6.40
CA TYR B 34 5.58 -6.31 5.22
C TYR B 34 4.31 -7.13 5.42
N SER B 35 3.22 -6.66 4.84
CA SER B 35 2.03 -7.49 4.66
C SER B 35 2.37 -8.60 3.68
N MET B 36 1.95 -9.83 4.01
CA MET B 36 2.16 -10.97 3.14
C MET B 36 0.82 -11.57 2.73
N ASN B 37 0.81 -12.28 1.60
CA ASN B 37 -0.42 -12.84 1.06
C ASN B 37 -0.26 -14.25 0.52
N TRP B 38 -1.39 -14.95 0.41
CA TRP B 38 -1.44 -16.20 -0.33
C TRP B 38 -2.38 -16.01 -1.52
N VAL B 39 -1.89 -16.34 -2.70
CA VAL B 39 -2.70 -16.26 -3.91
C VAL B 39 -2.58 -17.58 -4.66
N ARG B 40 -3.71 -18.12 -5.12
CA ARG B 40 -3.71 -19.40 -5.81
C ARG B 40 -4.19 -19.28 -7.24
N GLN B 41 -3.74 -20.20 -8.09
CA GLN B 41 -4.11 -20.20 -9.50
C GLN B 41 -4.43 -21.60 -10.01
N ALA B 42 -5.71 -21.88 -10.18
CA ALA B 42 -6.15 -23.15 -10.73
C ALA B 42 -5.70 -23.28 -12.18
N PRO B 43 -5.62 -24.52 -12.68
CA PRO B 43 -5.20 -24.81 -14.06
C PRO B 43 -6.04 -24.07 -15.09
N GLY B 44 -5.42 -23.19 -15.85
CA GLY B 44 -6.12 -22.44 -16.88
C GLY B 44 -6.89 -21.25 -16.32
N LYS B 45 -7.13 -21.26 -15.02
CA LYS B 45 -7.88 -20.19 -14.38
C LYS B 45 -6.97 -19.03 -13.99
N GLY B 46 -7.57 -17.97 -13.44
CA GLY B 46 -6.83 -16.75 -13.11
C GLY B 46 -6.22 -16.75 -11.72
N LEU B 47 -5.77 -15.57 -11.29
CA LEU B 47 -5.11 -15.41 -10.00
C LEU B 47 -6.10 -15.04 -8.91
N GLU B 48 -6.40 -16.00 -8.04
CA GLU B 48 -7.37 -15.79 -6.97
C GLU B 48 -6.66 -15.52 -5.65
N TRP B 49 -6.78 -14.28 -5.16
CA TRP B 49 -6.21 -13.92 -3.87
C TRP B 49 -6.93 -14.68 -2.78
N ILE B 50 -6.17 -15.17 -1.80
CA ILE B 50 -6.76 -15.97 -0.73
C ILE B 50 -6.82 -15.23 0.58
N SER B 51 -5.69 -14.74 1.04
CA SER B 51 -5.61 -14.16 2.37
C SER B 51 -4.41 -13.26 2.49
N SER B 52 -4.50 -12.28 3.38
CA SER B 52 -3.39 -11.39 3.66
C SER B 52 -3.21 -11.29 5.17
N ILE B 53 -1.99 -10.98 5.58
CA ILE B 53 -1.68 -10.76 7.00
C ILE B 53 -0.64 -9.65 7.15
N SER B 54 -0.93 -8.68 8.00
CA SER B 54 -0.02 -7.56 8.21
C SER B 54 1.26 -8.00 8.94
N GLY B 55 2.30 -7.18 8.83
CA GLY B 55 3.59 -7.49 9.43
C GLY B 55 3.48 -7.97 10.88
N SER B 56 2.66 -7.29 11.66
CA SER B 56 2.53 -7.58 13.09
C SER B 56 1.50 -8.68 13.36
N SER B 57 0.83 -9.13 12.30
CA SER B 57 -0.26 -10.11 12.43
C SER B 57 -1.55 -9.48 12.98
N ARG B 58 -1.55 -8.16 13.13
CA ARG B 58 -2.72 -7.46 13.66
C ARG B 58 -3.92 -7.55 12.72
N TYR B 59 -3.70 -7.34 11.43
CA TYR B 59 -4.79 -7.33 10.45
C TYR B 59 -4.73 -8.51 9.48
N ILE B 60 -5.78 -9.33 9.51
CA ILE B 60 -5.87 -10.50 8.64
C ILE B 60 -7.17 -10.44 7.85
N TYR B 61 -7.08 -10.70 6.55
CA TYR B 61 -8.26 -10.72 5.69
C TYR B 61 -8.32 -12.01 4.88
N TYR B 62 -9.54 -12.41 4.53
CA TYR B 62 -9.76 -13.59 3.71
C TYR B 62 -10.74 -13.27 2.59
N ALA B 63 -10.51 -13.86 1.42
CA ALA B 63 -11.50 -13.80 0.35
C ALA B 63 -12.78 -14.49 0.85
N ASP B 64 -13.91 -14.18 0.24
CA ASP B 64 -15.19 -14.69 0.74
C ASP B 64 -15.30 -16.21 0.71
N PHE B 65 -14.67 -16.83 -0.28
CA PHE B 65 -14.83 -18.26 -0.47
C PHE B 65 -14.20 -19.08 0.65
N VAL B 66 -13.25 -18.49 1.36
CA VAL B 66 -12.52 -19.22 2.40
C VAL B 66 -13.46 -19.75 3.47
N LYS B 67 -14.28 -18.88 4.04
CA LYS B 67 -15.30 -19.27 5.00
C LYS B 67 -14.77 -20.18 6.11
N GLY B 68 -13.60 -19.85 6.64
CA GLY B 68 -13.07 -20.52 7.80
C GLY B 68 -12.20 -21.74 7.50
N ARG B 69 -12.20 -22.19 6.25
CA ARG B 69 -11.45 -23.38 5.87
C ARG B 69 -9.94 -23.16 5.89
N PHE B 70 -9.50 -21.95 5.53
CA PHE B 70 -8.07 -21.63 5.55
C PHE B 70 -7.71 -20.68 6.70
N THR B 71 -6.48 -20.77 7.16
CA THR B 71 -5.99 -19.90 8.21
C THR B 71 -4.53 -19.52 7.96
N ILE B 72 -4.30 -18.22 7.77
CA ILE B 72 -2.95 -17.72 7.52
C ILE B 72 -2.31 -17.34 8.83
N SER B 73 -0.98 -17.49 8.89
CA SER B 73 -0.23 -17.11 10.07
C SER B 73 1.19 -16.82 9.63
N ARG B 74 1.99 -16.28 10.53
CA ARG B 74 3.35 -15.94 10.20
C ARG B 74 4.25 -15.97 11.42
N ASP B 75 5.56 -16.01 11.18
CA ASP B 75 6.54 -15.99 12.24
C ASP B 75 7.69 -15.10 11.81
N ASN B 76 7.64 -13.83 12.21
CA ASN B 76 8.67 -12.88 11.82
C ASN B 76 10.05 -13.31 12.31
N ALA B 77 10.08 -13.98 13.46
CA ALA B 77 11.33 -14.49 14.02
C ALA B 77 12.07 -15.38 13.03
N THR B 78 11.34 -16.29 12.38
CA THR B 78 11.95 -17.23 11.46
C THR B 78 11.64 -16.92 10.00
N ASN B 79 11.18 -15.71 9.73
CA ASN B 79 10.91 -15.26 8.37
C ASN B 79 10.06 -16.23 7.56
N SER B 80 8.98 -16.72 8.15
CA SER B 80 8.13 -17.69 7.45
C SER B 80 6.64 -17.41 7.53
N LEU B 81 5.96 -17.65 6.41
CA LEU B 81 4.52 -17.48 6.30
C LEU B 81 3.88 -18.86 6.15
N TYR B 82 2.68 -19.03 6.71
CA TYR B 82 2.00 -20.32 6.65
C TYR B 82 0.56 -20.19 6.18
N LEU B 83 0.04 -21.27 5.61
CA LEU B 83 -1.38 -21.38 5.30
C LEU B 83 -1.91 -22.76 5.71
N GLN B 84 -2.80 -22.77 6.68
CA GLN B 84 -3.43 -24.01 7.14
C GLN B 84 -4.72 -24.26 6.37
N MET B 85 -4.71 -25.29 5.53
CA MET B 85 -5.87 -25.60 4.69
C MET B 85 -6.60 -26.85 5.17
N ASN B 86 -7.87 -26.70 5.52
CA ASN B 86 -8.69 -27.81 6.01
C ASN B 86 -9.79 -28.20 5.03
N SER B 87 -10.09 -29.49 4.97
CA SER B 87 -11.19 -30.00 4.15
C SER B 87 -11.01 -29.70 2.67
N LEU B 88 -9.88 -30.12 2.12
CA LEU B 88 -9.52 -29.80 0.75
C LEU B 88 -10.46 -30.37 -0.30
N ARG B 89 -11.25 -29.49 -0.93
CA ARG B 89 -12.09 -29.86 -2.05
C ARG B 89 -11.23 -29.97 -3.31
N ALA B 90 -11.86 -30.36 -4.42
CA ALA B 90 -11.13 -30.52 -5.68
C ALA B 90 -10.96 -29.19 -6.40
N GLU B 91 -11.88 -28.26 -6.16
CA GLU B 91 -11.78 -26.92 -6.74
C GLU B 91 -10.59 -26.17 -6.15
N ASP B 92 -9.94 -26.78 -5.16
CA ASP B 92 -8.79 -26.19 -4.50
C ASP B 92 -7.50 -26.48 -5.27
N THR B 93 -7.57 -27.44 -6.18
CA THR B 93 -6.40 -27.78 -6.99
C THR B 93 -5.88 -26.54 -7.71
N ALA B 94 -4.65 -26.15 -7.38
CA ALA B 94 -4.05 -24.96 -7.96
C ALA B 94 -2.58 -24.86 -7.59
N VAL B 95 -1.88 -23.92 -8.22
CA VAL B 95 -0.57 -23.50 -7.75
C VAL B 95 -0.78 -22.39 -6.73
N TYR B 96 -0.25 -22.59 -5.54
CA TYR B 96 -0.38 -21.60 -4.47
C TYR B 96 0.88 -20.76 -4.35
N TYR B 97 0.71 -19.46 -4.50
CA TYR B 97 1.84 -18.54 -4.43
C TYR B 97 1.91 -17.79 -3.12
N CYS B 98 3.12 -17.58 -2.63
CA CYS B 98 3.35 -16.65 -1.54
C CYS B 98 3.68 -15.30 -2.17
N VAL B 99 3.03 -14.25 -1.71
CA VAL B 99 3.13 -12.95 -2.36
C VAL B 99 3.29 -11.81 -1.37
N ARG B 100 4.30 -10.98 -1.58
CA ARG B 100 4.50 -9.79 -0.76
C ARG B 100 3.75 -8.62 -1.37
N GLY B 101 3.09 -7.82 -0.53
CA GLY B 101 2.40 -6.66 -1.05
C GLY B 101 1.18 -6.24 -0.26
N VAL B 102 0.76 -5.00 -0.50
CA VAL B 102 -0.39 -4.44 0.19
C VAL B 102 -1.21 -3.67 -0.84
N ILE B 103 -2.52 -3.59 -0.61
CA ILE B 103 -3.45 -3.00 -1.56
C ILE B 103 -3.38 -3.70 -2.92
N ASP B 104 -3.05 -2.95 -3.97
CA ASP B 104 -3.04 -3.47 -5.33
C ASP B 104 -1.62 -3.81 -5.78
N LYS B 105 -0.66 -3.56 -4.90
CA LYS B 105 0.75 -3.67 -5.25
C LYS B 105 1.35 -5.00 -4.83
N PHE B 106 1.03 -6.06 -5.58
CA PHE B 106 1.67 -7.35 -5.34
C PHE B 106 2.97 -7.45 -6.12
N ASP B 107 4.05 -6.97 -5.51
CA ASP B 107 5.31 -6.76 -6.20
C ASP B 107 6.23 -7.97 -6.25
N TYR B 108 6.07 -8.90 -5.31
CA TYR B 108 6.95 -10.07 -5.28
C TYR B 108 6.21 -11.39 -5.07
N TRP B 109 6.41 -12.31 -6.00
CA TRP B 109 5.80 -13.63 -5.96
C TRP B 109 6.88 -14.70 -5.94
N GLY B 110 6.58 -15.84 -5.34
CA GLY B 110 7.46 -16.99 -5.40
C GLY B 110 7.13 -17.83 -6.61
N ARG B 111 7.91 -18.88 -6.86
CA ARG B 111 7.65 -19.77 -7.99
C ARG B 111 6.36 -20.58 -7.79
N GLY B 112 5.88 -20.60 -6.55
CA GLY B 112 4.62 -21.26 -6.24
C GLY B 112 4.78 -22.74 -5.96
N THR B 113 3.81 -23.30 -5.24
CA THR B 113 3.80 -24.72 -4.94
C THR B 113 2.48 -25.35 -5.41
N LEU B 114 2.56 -26.51 -6.04
CA LEU B 114 1.37 -27.14 -6.61
C LEU B 114 0.60 -28.00 -5.61
N VAL B 115 -0.71 -27.80 -5.55
CA VAL B 115 -1.58 -28.63 -4.73
C VAL B 115 -2.58 -29.35 -5.62
N THR B 116 -2.61 -30.66 -5.54
CA THR B 116 -3.53 -31.46 -6.34
C THR B 116 -4.48 -32.25 -5.46
N VAL B 117 -5.78 -32.06 -5.68
CA VAL B 117 -6.79 -32.85 -4.99
C VAL B 117 -7.32 -33.92 -5.93
N SER B 118 -6.92 -35.17 -5.68
CA SER B 118 -7.09 -36.26 -6.63
C SER B 118 -8.51 -36.78 -6.79
N ALA B 119 -9.08 -37.32 -5.71
CA ALA B 119 -10.36 -38.02 -5.75
C ALA B 119 -10.20 -39.43 -6.31
N SER B 134 -19.86 -20.44 -14.03
CA SER B 134 -18.74 -20.62 -13.13
C SER B 134 -17.46 -19.99 -13.68
N GLN B 135 -17.63 -19.04 -14.59
CA GLN B 135 -16.50 -18.33 -15.19
C GLN B 135 -15.91 -17.33 -14.20
N SER B 136 -14.94 -16.54 -14.67
CA SER B 136 -14.34 -15.51 -13.84
C SER B 136 -15.23 -14.27 -13.78
N VAL B 137 -15.20 -13.58 -12.64
CA VAL B 137 -16.00 -12.38 -12.46
C VAL B 137 -15.60 -11.26 -13.44
N LEU B 138 -14.30 -11.10 -13.63
CA LEU B 138 -13.80 -10.17 -14.63
C LEU B 138 -13.60 -10.90 -15.96
N THR B 139 -13.84 -10.22 -17.06
CA THR B 139 -13.81 -10.86 -18.37
C THR B 139 -12.63 -10.39 -19.22
N GLN B 140 -11.75 -11.32 -19.56
CA GLN B 140 -10.66 -11.05 -20.49
C GLN B 140 -10.86 -11.84 -21.77
N PRO B 141 -10.21 -11.40 -22.86
CA PRO B 141 -10.18 -12.20 -24.08
C PRO B 141 -9.29 -13.41 -23.86
N ALA B 142 -9.64 -14.55 -24.44
CA ALA B 142 -8.84 -15.76 -24.29
C ALA B 142 -7.49 -15.61 -24.99
N SER B 143 -7.53 -15.29 -26.27
CA SER B 143 -6.32 -15.21 -27.08
C SER B 143 -6.08 -13.81 -27.63
N VAL B 144 -4.82 -13.49 -27.87
CA VAL B 144 -4.44 -12.23 -28.51
C VAL B 144 -3.30 -12.46 -29.51
N SER B 145 -3.61 -12.32 -30.78
CA SER B 145 -2.61 -12.48 -31.84
C SER B 145 -1.81 -11.20 -32.03
N GLY B 146 -0.51 -11.29 -31.76
CA GLY B 146 0.37 -10.15 -31.93
C GLY B 146 1.37 -10.37 -33.05
N SER B 147 1.87 -9.26 -33.60
CA SER B 147 2.89 -9.31 -34.63
C SER B 147 4.06 -8.41 -34.23
N PRO B 148 5.27 -8.99 -34.17
CA PRO B 148 6.47 -8.31 -33.67
C PRO B 148 6.59 -6.87 -34.16
N GLY B 149 6.66 -5.94 -33.22
CA GLY B 149 6.81 -4.53 -33.56
C GLY B 149 5.50 -3.76 -33.55
N GLN B 150 4.38 -4.47 -33.66
CA GLN B 150 3.07 -3.83 -33.72
C GLN B 150 2.61 -3.36 -32.34
N SER B 151 1.32 -3.53 -32.05
CA SER B 151 0.74 -3.07 -30.80
C SER B 151 -0.61 -3.72 -30.52
N ILE B 152 -0.76 -4.28 -29.33
CA ILE B 152 -2.00 -4.96 -28.95
C ILE B 152 -2.58 -4.47 -27.62
N THR B 153 -3.82 -4.85 -27.35
CA THR B 153 -4.51 -4.42 -26.13
C THR B 153 -5.35 -5.54 -25.53
N ILE B 154 -5.17 -5.78 -24.23
CA ILE B 154 -5.96 -6.77 -23.52
C ILE B 154 -6.97 -6.10 -22.60
N SER B 155 -8.25 -6.47 -22.74
CA SER B 155 -9.32 -5.82 -21.99
C SER B 155 -9.76 -6.63 -20.76
N CYS B 156 -10.17 -5.91 -19.73
CA CYS B 156 -10.64 -6.51 -18.49
C CYS B 156 -11.97 -5.87 -18.09
N ALA B 157 -13.06 -6.60 -18.26
CA ALA B 157 -14.39 -6.01 -18.08
C ALA B 157 -15.18 -6.60 -16.91
N GLY B 158 -15.88 -5.72 -16.20
CA GLY B 158 -16.76 -6.14 -15.12
C GLY B 158 -17.96 -5.23 -15.01
N THR B 159 -18.82 -5.50 -14.03
CA THR B 159 -19.97 -4.65 -13.76
C THR B 159 -19.52 -3.40 -13.02
N SER B 160 -20.47 -2.54 -12.67
CA SER B 160 -20.17 -1.32 -11.92
C SER B 160 -19.77 -1.66 -10.48
N SER B 161 -20.07 -2.87 -10.05
CA SER B 161 -19.66 -3.34 -8.73
C SER B 161 -18.22 -3.87 -8.75
N ASP B 162 -17.71 -4.14 -9.95
CA ASP B 162 -16.44 -4.83 -10.11
C ASP B 162 -15.30 -3.90 -10.49
N VAL B 163 -15.55 -3.03 -11.47
CA VAL B 163 -14.53 -2.12 -11.97
C VAL B 163 -15.06 -0.69 -11.93
N GLY B 164 -14.44 0.14 -11.10
CA GLY B 164 -14.91 1.51 -10.93
C GLY B 164 -13.80 2.54 -11.04
N GLY B 165 -14.18 3.81 -11.01
CA GLY B 165 -13.24 4.90 -11.08
C GLY B 165 -12.55 5.18 -9.75
N TYR B 166 -13.02 4.55 -8.68
CA TYR B 166 -12.43 4.79 -7.36
C TYR B 166 -11.66 3.59 -6.81
N ASN B 167 -11.41 2.62 -7.68
CA ASN B 167 -10.57 1.49 -7.30
C ASN B 167 -9.67 1.06 -8.45
N TYR B 168 -8.89 -0.01 -8.26
CA TYR B 168 -7.76 -0.28 -9.14
C TYR B 168 -7.76 -1.62 -9.85
N VAL B 169 -7.26 -1.61 -11.08
CA VAL B 169 -6.95 -2.85 -11.78
C VAL B 169 -5.43 -2.95 -11.89
N SER B 170 -4.92 -4.16 -11.69
CA SER B 170 -3.50 -4.44 -11.85
C SER B 170 -3.31 -5.50 -12.92
N TRP B 171 -2.15 -5.48 -13.56
CA TRP B 171 -1.85 -6.46 -14.61
C TRP B 171 -0.62 -7.29 -14.25
N TYR B 172 -0.73 -8.60 -14.44
CA TYR B 172 0.36 -9.51 -14.13
C TYR B 172 0.76 -10.35 -15.34
N GLN B 173 2.07 -10.43 -15.57
CA GLN B 173 2.63 -11.20 -16.66
C GLN B 173 3.18 -12.51 -16.13
N GLN B 174 3.01 -13.58 -16.90
CA GLN B 174 3.49 -14.89 -16.46
C GLN B 174 4.01 -15.76 -17.60
N HIS B 175 5.24 -16.23 -17.46
CA HIS B 175 5.79 -17.19 -18.40
C HIS B 175 5.67 -18.60 -17.83
N PRO B 176 5.55 -19.60 -18.71
CA PRO B 176 5.38 -20.99 -18.30
C PRO B 176 6.33 -21.40 -17.18
N GLY B 177 5.78 -21.74 -16.02
CA GLY B 177 6.56 -22.21 -14.90
C GLY B 177 7.40 -21.13 -14.21
N LYS B 178 6.93 -19.89 -14.26
CA LYS B 178 7.66 -18.80 -13.65
C LYS B 178 6.79 -18.00 -12.67
N ALA B 179 7.45 -17.28 -11.76
CA ALA B 179 6.75 -16.42 -10.81
C ALA B 179 6.14 -15.23 -11.54
N PRO B 180 4.82 -15.05 -11.39
CA PRO B 180 4.10 -13.92 -12.00
C PRO B 180 4.79 -12.60 -11.73
N LYS B 181 4.76 -11.70 -12.71
CA LYS B 181 5.38 -10.40 -12.57
C LYS B 181 4.35 -9.27 -12.62
N LEU B 182 4.52 -8.29 -11.75
CA LEU B 182 3.63 -7.14 -11.72
C LEU B 182 4.04 -6.15 -12.81
N MET B 183 3.17 -5.97 -13.79
CA MET B 183 3.44 -5.04 -14.88
C MET B 183 2.82 -3.69 -14.60
N ILE B 184 1.54 -3.70 -14.23
CA ILE B 184 0.82 -2.46 -13.92
C ILE B 184 -0.03 -2.60 -12.66
N TYR B 185 0.00 -1.56 -11.84
CA TYR B 185 -0.89 -1.44 -10.68
C TYR B 185 -1.47 -0.04 -10.65
N GLU B 186 -2.50 0.17 -9.85
CA GLU B 186 -3.18 1.46 -9.79
C GLU B 186 -3.64 1.88 -11.17
N ASP B 187 -4.22 0.93 -11.91
CA ASP B 187 -4.76 1.20 -13.24
C ASP B 187 -3.70 1.43 -14.32
N SER B 188 -2.75 2.32 -14.04
CA SER B 188 -1.84 2.82 -15.07
C SER B 188 -0.38 2.92 -14.65
N LYS B 189 -0.12 2.84 -13.35
CA LYS B 189 1.26 2.97 -12.86
C LYS B 189 2.02 1.66 -12.97
N ARG B 190 3.27 1.73 -13.41
CA ARG B 190 4.07 0.52 -13.55
C ARG B 190 5.33 0.59 -12.68
N PRO B 191 5.70 -0.55 -12.07
CA PRO B 191 6.84 -0.64 -11.17
C PRO B 191 8.14 -0.33 -11.88
N SER B 192 9.15 0.11 -11.13
CA SER B 192 10.47 0.36 -11.71
C SER B 192 11.07 -0.95 -12.18
N GLY B 193 11.66 -0.93 -13.38
CA GLY B 193 12.25 -2.13 -13.96
C GLY B 193 11.37 -2.74 -15.02
N VAL B 194 10.18 -2.17 -15.20
CA VAL B 194 9.25 -2.64 -16.21
C VAL B 194 9.28 -1.73 -17.44
N SER B 195 9.34 -2.35 -18.62
CA SER B 195 9.45 -1.60 -19.87
C SER B 195 8.26 -0.69 -20.13
N ASN B 196 8.55 0.51 -20.64
CA ASN B 196 7.51 1.48 -20.93
C ASN B 196 6.65 1.10 -22.13
N ARG B 197 6.95 -0.04 -22.74
CA ARG B 197 6.13 -0.56 -23.83
C ARG B 197 4.82 -1.09 -23.25
N PHE B 198 4.80 -1.27 -21.93
CA PHE B 198 3.61 -1.71 -21.22
C PHE B 198 2.89 -0.52 -20.61
N SER B 199 1.60 -0.42 -20.88
CA SER B 199 0.78 0.65 -20.32
C SER B 199 -0.63 0.15 -20.03
N GLY B 200 -1.34 0.86 -19.15
CA GLY B 200 -2.69 0.51 -18.78
C GLY B 200 -3.60 1.71 -18.70
N SER B 201 -4.89 1.48 -18.86
CA SER B 201 -5.87 2.56 -18.77
C SER B 201 -7.23 1.97 -18.39
N LYS B 202 -8.21 2.83 -18.22
CA LYS B 202 -9.55 2.38 -17.84
C LYS B 202 -10.64 3.32 -18.33
N SER B 203 -11.73 2.72 -18.80
CA SER B 203 -12.92 3.48 -19.17
C SER B 203 -14.14 2.77 -18.63
N GLY B 204 -14.89 3.46 -17.78
CA GLY B 204 -16.04 2.85 -17.14
C GLY B 204 -15.66 1.57 -16.42
N ASN B 205 -16.39 0.50 -16.71
CA ASN B 205 -16.16 -0.77 -16.04
C ASN B 205 -15.22 -1.68 -16.82
N THR B 206 -14.25 -1.10 -17.51
CA THR B 206 -13.32 -1.87 -18.32
C THR B 206 -11.90 -1.29 -18.34
N ALA B 207 -10.95 -2.11 -17.92
CA ALA B 207 -9.54 -1.72 -17.94
C ALA B 207 -8.84 -2.36 -19.13
N SER B 208 -7.79 -1.71 -19.62
CA SER B 208 -7.09 -2.21 -20.79
C SER B 208 -5.57 -2.09 -20.62
N LEU B 209 -4.89 -3.22 -20.81
CA LEU B 209 -3.44 -3.24 -20.87
C LEU B 209 -3.00 -3.18 -22.33
N THR B 210 -1.96 -2.39 -22.60
CA THR B 210 -1.45 -2.26 -23.96
C THR B 210 0.06 -2.44 -24.04
N ILE B 211 0.49 -3.20 -25.05
CA ILE B 211 1.90 -3.39 -25.31
C ILE B 211 2.26 -2.92 -26.71
N SER B 212 3.32 -2.13 -26.82
CA SER B 212 3.78 -1.63 -28.10
C SER B 212 5.15 -2.20 -28.44
N GLY B 213 5.39 -2.41 -29.74
CA GLY B 213 6.64 -2.99 -30.19
C GLY B 213 6.88 -4.36 -29.60
N LEU B 214 5.96 -5.28 -29.87
CA LEU B 214 6.01 -6.63 -29.30
C LEU B 214 7.35 -7.31 -29.47
N GLN B 215 7.78 -8.01 -28.42
CA GLN B 215 8.92 -8.92 -28.50
C GLN B 215 8.40 -10.36 -28.54
N ALA B 216 9.31 -11.32 -28.60
CA ALA B 216 8.96 -12.72 -28.44
C ALA B 216 9.03 -13.05 -26.96
N GLU B 217 9.79 -12.24 -26.23
CA GLU B 217 9.90 -12.38 -24.78
C GLU B 217 8.65 -11.81 -24.13
N ASP B 218 7.85 -11.10 -24.92
CA ASP B 218 6.59 -10.54 -24.45
C ASP B 218 5.50 -11.59 -24.50
N GLU B 219 5.69 -12.62 -25.30
CA GLU B 219 4.74 -13.73 -25.36
C GLU B 219 4.65 -14.35 -23.97
N ALA B 220 3.42 -14.43 -23.45
CA ALA B 220 3.20 -14.95 -22.10
C ALA B 220 1.71 -14.97 -21.78
N ASP B 221 1.41 -15.23 -20.51
CA ASP B 221 0.04 -15.15 -20.03
C ASP B 221 -0.14 -13.83 -19.28
N TYR B 222 -1.31 -13.23 -19.43
CA TYR B 222 -1.59 -11.97 -18.76
C TYR B 222 -2.91 -12.01 -18.00
N TYR B 223 -2.86 -11.57 -16.74
CA TYR B 223 -4.01 -11.64 -15.86
C TYR B 223 -4.32 -10.27 -15.27
N CYS B 224 -5.60 -9.97 -15.10
CA CYS B 224 -6.01 -8.73 -14.47
C CYS B 224 -6.63 -9.00 -13.11
N ILE B 225 -6.42 -8.06 -12.17
CA ILE B 225 -7.01 -8.16 -10.84
C ILE B 225 -7.56 -6.79 -10.42
N SER B 226 -8.85 -6.75 -10.12
CA SER B 226 -9.47 -5.51 -9.67
C SER B 226 -9.50 -5.44 -8.15
N TYR B 227 -8.70 -4.52 -7.58
CA TYR B 227 -8.72 -4.32 -6.14
C TYR B 227 -9.90 -3.44 -5.76
N ILE B 228 -10.76 -3.97 -4.90
CA ILE B 228 -11.94 -3.25 -4.45
C ILE B 228 -11.78 -2.81 -3.00
N SER B 229 -11.42 -3.75 -2.15
CA SER B 229 -11.16 -3.46 -0.74
C SER B 229 -10.21 -4.51 -0.16
N SER B 230 -10.00 -4.45 1.15
CA SER B 230 -9.00 -5.31 1.80
C SER B 230 -9.36 -6.80 1.78
N ASN B 231 -10.61 -7.12 1.47
CA ASN B 231 -11.04 -8.51 1.43
C ASN B 231 -11.63 -8.90 0.07
N THR B 232 -11.51 -7.99 -0.90
CA THR B 232 -12.14 -8.22 -2.19
C THR B 232 -11.20 -7.90 -3.35
N ARG B 233 -10.67 -8.95 -3.95
CA ARG B 233 -9.80 -8.83 -5.12
C ARG B 233 -10.37 -9.69 -6.25
N LEU B 234 -11.05 -9.04 -7.18
CA LEU B 234 -11.67 -9.75 -8.30
C LEU B 234 -10.64 -10.03 -9.37
N PHE B 235 -10.83 -11.12 -10.11
CA PHE B 235 -9.85 -11.48 -11.14
C PHE B 235 -10.48 -11.94 -12.46
N GLY B 236 -9.71 -11.79 -13.54
CA GLY B 236 -10.10 -12.27 -14.84
C GLY B 236 -9.57 -13.67 -15.09
N GLY B 237 -10.00 -14.28 -16.19
CA GLY B 237 -9.64 -15.65 -16.49
C GLY B 237 -8.31 -15.82 -17.21
N GLY B 238 -7.68 -14.70 -17.56
CA GLY B 238 -6.38 -14.75 -18.21
C GLY B 238 -6.43 -14.60 -19.72
N THR B 239 -5.34 -14.12 -20.29
CA THR B 239 -5.24 -13.90 -21.73
C THR B 239 -3.88 -14.35 -22.26
N LYS B 240 -3.90 -15.31 -23.18
CA LYS B 240 -2.68 -15.80 -23.80
C LYS B 240 -2.26 -14.90 -24.97
N LEU B 241 -1.09 -14.28 -24.86
CA LEU B 241 -0.58 -13.43 -25.92
C LEU B 241 0.40 -14.19 -26.80
N ALA B 242 0.00 -14.39 -28.06
CA ALA B 242 0.84 -15.10 -29.02
C ALA B 242 1.56 -14.14 -29.95
N VAL B 243 2.89 -14.15 -29.90
CA VAL B 243 3.69 -13.28 -30.76
C VAL B 243 4.14 -14.01 -32.02
N LEU B 244 3.58 -13.61 -33.15
CA LEU B 244 3.89 -14.23 -34.43
C LEU B 244 5.34 -14.00 -34.83
#